data_1TV5
#
_entry.id   1TV5
#
_cell.length_a   105.428
_cell.length_b   105.428
_cell.length_c   276.632
_cell.angle_alpha   90.00
_cell.angle_beta   90.00
_cell.angle_gamma   120.00
#
_symmetry.space_group_name_H-M   'H 3 2'
#
loop_
_entity.id
_entity.type
_entity.pdbx_description
1 polymer 'Dihydroorotate dehydrogenase homolog, mitochondrial'
2 non-polymer 'SULFATE ION'
3 non-polymer (2Z)-2-cyano-3-hydroxy-N-[4-(trifluoromethyl)phenyl]but-2-enamide
4 non-polymer 'FLAVIN MONONUCLEOTIDE'
5 non-polymer 'OROTIC ACID'
6 non-polymer 3,6,9,12,15-PENTAOXATRICOSAN-1-OL
7 water water
#
_entity_poly.entity_id   1
_entity_poly.type   'polypeptide(L)'
_entity_poly.pdbx_seq_one_letter_code
;MRGSHHHHHHGMASMTGGQQMGRDLYDDDDKFESYNPEFFLYDIFLKFCLKYIDGEICHDLFLLLGKYNILPYDTSNDSI
YACTNIKHLDFINPFGVAAGFDKNGVCIDSILKLGFSFIEIGTITPRGQTGNAKPRIFRDVESRSIINSCGFNNMGCDKV
TENLILFRKRQEEDKLLSKHIVGVSIGKNKDTVNIVDDLKYCINKIGRYADYIAINVSSPNTPGLRDNQEAGKLKNIILS
VKEEIDNLEKNNIMNDESTYNEDNKIVEKKNNFNKNNSHMMKDAKDNFLWFNTTKKKPLVFVKLAPDLNQEQKKEIADVL
LETNIDGMIISNTTTQINDIKSFENKKGGVSGAKLKDISTKFICEMYNYTNKQIPIIASGGIFSGLDALEKIEAGASVCQ
LYSCLVFNGMKSAVQIKRELNHLLYQRGYYNLKEAIGRKHSKS
;
_entity_poly.pdbx_strand_id   A
#
# COMPACT_ATOMS: atom_id res chain seq x y z
N PHE A 32 -6.20 -18.57 -24.79
CA PHE A 32 -6.27 -17.48 -23.77
C PHE A 32 -7.72 -17.09 -23.46
N GLU A 33 -8.00 -16.84 -22.18
CA GLU A 33 -9.32 -16.46 -21.73
C GLU A 33 -9.30 -14.93 -21.65
N SER A 34 -10.05 -14.28 -22.54
CA SER A 34 -10.09 -12.83 -22.62
C SER A 34 -10.46 -12.04 -21.35
N TYR A 35 -11.09 -12.71 -20.38
CA TYR A 35 -11.48 -12.06 -19.13
C TYR A 35 -10.35 -12.19 -18.11
N ASN A 36 -9.38 -13.04 -18.44
CA ASN A 36 -8.25 -13.31 -17.58
C ASN A 36 -7.16 -12.23 -17.69
N PRO A 37 -6.63 -11.77 -16.55
CA PRO A 37 -5.58 -10.74 -16.51
C PRO A 37 -4.35 -11.14 -17.33
N GLU A 38 -4.19 -12.44 -17.56
CA GLU A 38 -3.04 -12.92 -18.32
C GLU A 38 -3.28 -12.95 -19.82
N PHE A 39 -4.50 -12.64 -20.25
CA PHE A 39 -4.83 -12.61 -21.67
C PHE A 39 -3.75 -11.77 -22.35
N PHE A 40 -3.12 -12.31 -23.38
CA PHE A 40 -2.03 -11.63 -24.09
C PHE A 40 -2.33 -10.19 -24.49
N LEU A 41 -3.57 -9.93 -24.86
CA LEU A 41 -3.96 -8.60 -25.26
C LEU A 41 -3.62 -7.54 -24.21
N TYR A 42 -3.70 -7.90 -22.93
CA TYR A 42 -3.40 -6.93 -21.89
C TYR A 42 -1.92 -6.61 -21.82
N ASP A 43 -1.09 -7.53 -22.30
CA ASP A 43 0.35 -7.32 -22.30
C ASP A 43 0.72 -6.43 -23.47
N ILE A 44 -0.09 -6.49 -24.52
CA ILE A 44 0.16 -5.64 -25.67
C ILE A 44 -0.16 -4.23 -25.19
N PHE A 45 -1.27 -4.11 -24.47
CA PHE A 45 -1.68 -2.83 -23.90
C PHE A 45 -0.57 -2.35 -22.97
N LEU A 46 -0.13 -3.22 -22.07
CA LEU A 46 0.94 -2.88 -21.14
C LEU A 46 2.16 -2.31 -21.87
N LYS A 47 2.61 -2.99 -22.93
CA LYS A 47 3.77 -2.55 -23.71
C LYS A 47 3.56 -1.15 -24.28
N PHE A 48 2.36 -0.94 -24.83
CA PHE A 48 2.01 0.35 -25.43
C PHE A 48 2.07 1.45 -24.39
N CYS A 49 1.35 1.29 -23.28
N CYS A 49 1.37 1.23 -23.28
CA CYS A 49 1.34 2.31 -22.25
CA CYS A 49 1.33 2.20 -22.19
C CYS A 49 2.75 2.59 -21.69
C CYS A 49 2.74 2.57 -21.73
N LEU A 50 3.53 1.55 -21.44
CA LEU A 50 4.89 1.73 -20.94
C LEU A 50 5.78 2.45 -21.96
N LYS A 51 5.59 2.13 -23.23
CA LYS A 51 6.39 2.72 -24.30
C LYS A 51 6.02 4.15 -24.69
N TYR A 52 4.72 4.45 -24.73
CA TYR A 52 4.28 5.75 -25.19
C TYR A 52 3.46 6.67 -24.27
N ILE A 53 2.75 6.11 -23.31
CA ILE A 53 1.89 6.92 -22.47
C ILE A 53 2.45 7.53 -21.20
N ASP A 54 2.13 8.80 -21.01
CA ASP A 54 2.57 9.52 -19.82
C ASP A 54 2.15 8.71 -18.60
N GLY A 55 3.01 8.70 -17.59
CA GLY A 55 2.73 7.96 -16.39
C GLY A 55 1.38 8.16 -15.73
N GLU A 56 1.09 9.40 -15.34
CA GLU A 56 -0.17 9.67 -14.67
C GLU A 56 -1.39 9.58 -15.58
N ILE A 57 -1.20 9.85 -16.86
CA ILE A 57 -2.33 9.75 -17.78
C ILE A 57 -2.78 8.30 -17.91
N CYS A 58 -1.87 7.34 -18.03
N CYS A 58 -1.80 7.41 -18.00
CA CYS A 58 -2.37 5.96 -18.14
CA CYS A 58 -2.02 5.99 -18.12
C CYS A 58 -2.89 5.53 -16.80
C CYS A 58 -2.71 5.47 -16.86
N HIS A 59 -2.21 5.93 -15.72
CA HIS A 59 -2.71 5.54 -14.41
C HIS A 59 -4.18 5.91 -14.30
N ASP A 60 -4.50 7.16 -14.66
CA ASP A 60 -5.86 7.64 -14.61
C ASP A 60 -6.75 6.89 -15.59
N LEU A 61 -6.19 6.53 -16.74
CA LEU A 61 -6.95 5.78 -17.73
C LEU A 61 -7.29 4.41 -17.14
N PHE A 62 -6.29 3.79 -16.53
CA PHE A 62 -6.46 2.50 -15.90
C PHE A 62 -7.57 2.54 -14.85
N LEU A 63 -7.52 3.55 -13.98
CA LEU A 63 -8.52 3.70 -12.93
C LEU A 63 -9.91 3.89 -13.54
N LEU A 64 -9.94 4.55 -14.68
CA LEU A 64 -11.19 4.79 -15.40
C LEU A 64 -11.72 3.45 -15.93
N LEU A 65 -10.82 2.62 -16.44
CA LEU A 65 -11.21 1.31 -16.93
C LEU A 65 -11.81 0.53 -15.76
N GLY A 66 -11.15 0.61 -14.60
CA GLY A 66 -11.63 -0.07 -13.42
C GLY A 66 -12.95 0.50 -12.94
N LYS A 67 -13.06 1.83 -12.95
CA LYS A 67 -14.30 2.47 -12.52
C LYS A 67 -15.46 1.95 -13.35
N TYR A 68 -15.24 1.76 -14.64
CA TYR A 68 -16.32 1.29 -15.49
C TYR A 68 -16.45 -0.22 -15.55
N ASN A 69 -15.72 -0.87 -14.65
CA ASN A 69 -15.78 -2.31 -14.50
C ASN A 69 -15.53 -3.14 -15.76
N ILE A 70 -14.60 -2.68 -16.59
CA ILE A 70 -14.26 -3.41 -17.80
C ILE A 70 -12.81 -3.91 -17.78
N LEU A 71 -12.35 -4.30 -16.59
CA LEU A 71 -11.01 -4.82 -16.45
C LEU A 71 -11.12 -6.32 -16.29
N PRO A 72 -10.06 -7.06 -16.65
CA PRO A 72 -10.10 -8.51 -16.51
C PRO A 72 -10.12 -8.82 -15.02
N TYR A 73 -10.36 -10.08 -14.66
CA TYR A 73 -10.42 -10.43 -13.25
C TYR A 73 -9.86 -11.84 -13.01
N ASP A 74 -9.40 -12.06 -11.79
CA ASP A 74 -8.85 -13.37 -11.43
C ASP A 74 -10.01 -14.23 -10.95
N THR A 75 -10.14 -15.41 -11.53
CA THR A 75 -11.21 -16.33 -11.18
C THR A 75 -10.74 -17.54 -10.39
N SER A 76 -9.43 -17.67 -10.20
CA SER A 76 -8.89 -18.78 -9.45
C SER A 76 -9.19 -18.60 -7.98
N ASN A 77 -9.12 -19.69 -7.23
CA ASN A 77 -9.36 -19.65 -5.79
C ASN A 77 -7.98 -19.55 -5.17
N ASP A 78 -7.82 -18.67 -4.19
CA ASP A 78 -6.52 -18.51 -3.56
C ASP A 78 -6.14 -19.68 -2.66
N SER A 79 -4.87 -20.06 -2.71
CA SER A 79 -4.39 -21.16 -1.89
C SER A 79 -4.59 -20.85 -0.41
N ILE A 80 -5.09 -21.82 0.34
CA ILE A 80 -5.30 -21.61 1.76
C ILE A 80 -3.92 -21.58 2.44
N TYR A 81 -2.92 -22.11 1.73
CA TYR A 81 -1.57 -22.14 2.27
C TYR A 81 -0.83 -20.81 2.15
N ALA A 82 -1.43 -19.86 1.44
CA ALA A 82 -0.80 -18.57 1.27
C ALA A 82 -1.59 -17.45 1.92
N CYS A 83 -2.57 -17.83 2.73
CA CYS A 83 -3.35 -16.82 3.44
C CYS A 83 -2.43 -16.30 4.54
N THR A 84 -2.72 -15.12 5.06
CA THR A 84 -1.87 -14.56 6.10
C THR A 84 -2.73 -13.62 6.94
N ASN A 85 -2.15 -13.07 8.00
CA ASN A 85 -2.93 -12.16 8.84
C ASN A 85 -2.06 -11.28 9.69
N ILE A 86 -2.69 -10.22 10.19
CA ILE A 86 -2.07 -9.26 11.08
C ILE A 86 -3.17 -9.12 12.11
N LYS A 87 -3.10 -9.99 13.13
CA LYS A 87 -4.11 -10.04 14.19
C LYS A 87 -5.41 -10.59 13.58
N HIS A 88 -6.53 -9.93 13.85
CA HIS A 88 -7.80 -10.38 13.30
C HIS A 88 -7.94 -10.07 11.83
N LEU A 89 -7.01 -9.28 11.31
CA LEU A 89 -7.03 -8.92 9.89
C LEU A 89 -6.56 -10.14 9.09
N ASP A 90 -7.52 -10.86 8.49
CA ASP A 90 -7.26 -12.06 7.73
C ASP A 90 -7.23 -11.86 6.22
N PHE A 91 -6.03 -11.89 5.64
CA PHE A 91 -5.87 -11.71 4.21
C PHE A 91 -5.98 -13.05 3.49
N ILE A 92 -6.85 -13.14 2.49
CA ILE A 92 -7.03 -14.37 1.73
C ILE A 92 -5.78 -14.74 0.93
N ASN A 93 -4.96 -13.74 0.63
CA ASN A 93 -3.70 -13.96 -0.06
C ASN A 93 -2.80 -12.84 0.46
N PRO A 94 -1.47 -12.96 0.30
CA PRO A 94 -0.56 -11.93 0.80
C PRO A 94 -0.31 -10.71 -0.07
N PHE A 95 -1.15 -10.49 -1.07
CA PHE A 95 -0.90 -9.35 -1.93
C PHE A 95 -2.01 -8.32 -2.02
N GLY A 96 -1.66 -7.09 -1.68
CA GLY A 96 -2.60 -6.00 -1.73
C GLY A 96 -1.96 -4.89 -2.53
N VAL A 97 -2.71 -3.84 -2.86
CA VAL A 97 -2.08 -2.76 -3.60
C VAL A 97 -1.82 -1.59 -2.67
N ALA A 98 -0.59 -1.10 -2.70
CA ALA A 98 -0.13 -0.01 -1.86
C ALA A 98 -0.95 1.26 -2.00
N ALA A 99 -0.77 2.16 -1.05
CA ALA A 99 -1.46 3.45 -1.05
C ALA A 99 -0.98 4.23 -2.26
N GLY A 100 -1.82 5.17 -2.70
CA GLY A 100 -1.48 5.98 -3.84
C GLY A 100 -1.96 5.48 -5.19
N PHE A 101 -2.18 4.18 -5.33
CA PHE A 101 -2.64 3.65 -6.61
C PHE A 101 -4.08 4.08 -6.87
N ASP A 102 -4.94 3.89 -5.88
CA ASP A 102 -6.33 4.32 -5.98
C ASP A 102 -6.49 5.31 -4.83
N LYS A 103 -5.92 6.50 -5.03
CA LYS A 103 -5.95 7.55 -4.03
C LYS A 103 -7.37 7.91 -3.59
N ASN A 104 -8.32 7.90 -4.52
CA ASN A 104 -9.69 8.26 -4.18
C ASN A 104 -10.66 7.09 -4.06
N GLY A 105 -10.15 5.87 -4.14
CA GLY A 105 -11.02 4.70 -4.03
C GLY A 105 -12.08 4.71 -5.11
N VAL A 106 -11.69 5.06 -6.34
CA VAL A 106 -12.66 5.13 -7.44
C VAL A 106 -12.98 3.79 -8.09
N CYS A 107 -12.16 2.78 -7.87
CA CYS A 107 -12.43 1.46 -8.44
C CYS A 107 -11.81 0.36 -7.59
N ILE A 108 -12.18 0.37 -6.33
CA ILE A 108 -11.71 -0.61 -5.36
C ILE A 108 -12.03 -2.02 -5.81
N ASP A 109 -13.30 -2.24 -6.17
CA ASP A 109 -13.76 -3.55 -6.62
C ASP A 109 -12.92 -4.09 -7.77
N SER A 110 -12.81 -3.29 -8.82
CA SER A 110 -12.08 -3.71 -10.01
C SER A 110 -10.63 -4.06 -9.74
N ILE A 111 -9.97 -3.28 -8.88
CA ILE A 111 -8.58 -3.56 -8.56
C ILE A 111 -8.45 -4.83 -7.73
N LEU A 112 -9.33 -5.00 -6.75
CA LEU A 112 -9.30 -6.19 -5.91
C LEU A 112 -9.52 -7.43 -6.76
N LYS A 113 -10.49 -7.36 -7.67
CA LYS A 113 -10.79 -8.51 -8.51
C LYS A 113 -9.66 -8.92 -9.45
N LEU A 114 -8.58 -8.15 -9.48
CA LEU A 114 -7.44 -8.51 -10.31
C LEU A 114 -6.74 -9.68 -9.60
N GLY A 115 -7.09 -9.87 -8.33
CA GLY A 115 -6.50 -10.94 -7.56
C GLY A 115 -5.86 -10.53 -6.24
N PHE A 116 -6.00 -9.27 -5.84
CA PHE A 116 -5.42 -8.81 -4.59
C PHE A 116 -6.36 -9.09 -3.42
N SER A 117 -5.78 -9.31 -2.24
CA SER A 117 -6.56 -9.60 -1.04
C SER A 117 -6.99 -8.32 -0.35
N PHE A 118 -6.32 -7.21 -0.68
CA PHE A 118 -6.67 -5.94 -0.07
C PHE A 118 -6.07 -4.76 -0.82
N ILE A 119 -6.56 -3.58 -0.48
CA ILE A 119 -6.07 -2.38 -1.09
C ILE A 119 -6.06 -1.31 -0.01
N GLU A 120 -5.05 -0.47 -0.05
CA GLU A 120 -4.93 0.61 0.90
C GLU A 120 -5.24 1.84 0.06
N ILE A 121 -6.47 2.32 0.17
CA ILE A 121 -6.81 3.46 -0.66
C ILE A 121 -6.27 4.75 -0.12
N GLY A 122 -6.42 5.74 -0.97
CA GLY A 122 -6.01 7.07 -0.67
C GLY A 122 -4.60 7.43 -0.30
N THR A 123 -4.64 8.14 0.80
CA THR A 123 -3.60 8.83 1.52
C THR A 123 -4.46 10.02 1.12
N ILE A 124 -5.52 10.16 1.90
CA ILE A 124 -6.49 11.20 1.70
C ILE A 124 -6.17 12.28 2.71
N THR A 125 -6.69 13.46 2.45
CA THR A 125 -6.50 14.59 3.34
C THR A 125 -7.91 15.11 3.62
N PRO A 126 -8.10 15.80 4.74
CA PRO A 126 -9.43 16.32 5.07
C PRO A 126 -10.07 17.01 3.88
N ARG A 127 -9.32 17.92 3.25
CA ARG A 127 -9.83 18.65 2.11
C ARG A 127 -9.15 18.16 0.84
N GLY A 128 -9.85 18.26 -0.28
CA GLY A 128 -9.29 17.85 -1.55
C GLY A 128 -8.25 18.88 -1.96
N GLN A 129 -7.17 18.40 -2.56
CA GLN A 129 -6.12 19.30 -3.03
C GLN A 129 -5.58 18.72 -4.33
N THR A 130 -4.94 19.57 -5.13
CA THR A 130 -4.44 19.16 -6.43
C THR A 130 -3.07 18.49 -6.52
N GLY A 131 -2.25 18.62 -5.49
CA GLY A 131 -0.93 18.01 -5.54
C GLY A 131 0.01 18.94 -6.28
N ASN A 132 1.22 18.49 -6.54
CA ASN A 132 2.22 19.32 -7.21
C ASN A 132 2.01 19.42 -8.72
N ALA A 133 2.74 20.33 -9.34
CA ALA A 133 2.63 20.55 -10.78
C ALA A 133 3.00 19.29 -11.55
N LYS A 134 2.29 19.06 -12.65
CA LYS A 134 2.54 17.93 -13.51
C LYS A 134 3.52 18.39 -14.57
N PRO A 135 4.26 17.45 -15.18
CA PRO A 135 4.21 16.00 -14.90
C PRO A 135 4.91 15.70 -13.58
N ARG A 136 4.35 14.80 -12.79
CA ARG A 136 4.92 14.46 -11.50
C ARG A 136 5.10 12.96 -11.27
N ILE A 137 5.07 12.18 -12.35
CA ILE A 137 5.27 10.74 -12.24
C ILE A 137 6.04 10.28 -13.46
N PHE A 138 7.19 9.67 -13.24
CA PHE A 138 8.00 9.18 -14.35
C PHE A 138 8.44 7.75 -14.15
N ARG A 139 8.55 7.03 -15.24
CA ARG A 139 8.98 5.63 -15.20
C ARG A 139 10.35 5.51 -15.83
N ASP A 140 11.07 4.48 -15.40
CA ASP A 140 12.38 4.14 -15.94
C ASP A 140 12.27 2.62 -16.04
N VAL A 141 11.80 2.15 -17.19
CA VAL A 141 11.58 0.72 -17.42
C VAL A 141 12.82 -0.15 -17.25
N GLU A 142 13.96 0.32 -17.74
CA GLU A 142 15.20 -0.45 -17.61
C GLU A 142 15.40 -0.90 -16.17
N SER A 143 15.24 0.02 -15.22
CA SER A 143 15.41 -0.32 -13.81
C SER A 143 14.08 -0.56 -13.10
N ARG A 144 12.99 -0.62 -13.86
CA ARG A 144 11.66 -0.83 -13.29
C ARG A 144 11.49 0.05 -12.06
N SER A 145 11.81 1.32 -12.23
CA SER A 145 11.72 2.29 -11.16
C SER A 145 10.76 3.41 -11.52
N ILE A 146 10.23 4.05 -10.48
CA ILE A 146 9.31 5.14 -10.68
C ILE A 146 9.73 6.24 -9.71
N ILE A 147 9.45 7.47 -10.09
CA ILE A 147 9.74 8.59 -9.23
C ILE A 147 8.50 9.47 -9.32
N ASN A 148 8.06 9.99 -8.18
CA ASN A 148 6.88 10.81 -8.18
C ASN A 148 6.98 11.92 -7.16
N SER A 149 6.28 13.02 -7.45
CA SER A 149 6.22 14.17 -6.57
C SER A 149 4.77 14.62 -6.67
N CYS A 150 3.87 13.65 -6.53
CA CYS A 150 2.44 13.90 -6.64
C CYS A 150 1.96 14.99 -5.70
N GLY A 151 2.35 14.92 -4.43
CA GLY A 151 1.96 15.92 -3.46
C GLY A 151 0.62 15.70 -2.79
N PHE A 152 0.25 14.43 -2.57
CA PHE A 152 -1.01 14.12 -1.92
C PHE A 152 -2.25 14.63 -2.67
N ASN A 153 -2.24 14.48 -3.99
CA ASN A 153 -3.38 14.89 -4.81
C ASN A 153 -4.52 13.92 -4.50
N ASN A 154 -5.66 14.44 -4.09
CA ASN A 154 -6.81 13.60 -3.80
C ASN A 154 -8.06 14.46 -3.71
N MET A 155 -9.22 13.83 -3.90
CA MET A 155 -10.49 14.53 -3.89
C MET A 155 -10.99 14.96 -2.52
N GLY A 156 -10.31 14.51 -1.47
CA GLY A 156 -10.73 14.89 -0.13
C GLY A 156 -11.43 13.78 0.61
N CYS A 157 -11.31 13.82 1.93
CA CYS A 157 -11.89 12.80 2.78
C CYS A 157 -13.39 12.58 2.59
N ASP A 158 -14.12 13.66 2.32
CA ASP A 158 -15.56 13.58 2.13
C ASP A 158 -15.93 12.73 0.93
N LYS A 159 -15.35 13.05 -0.22
CA LYS A 159 -15.63 12.33 -1.44
C LYS A 159 -15.13 10.89 -1.38
N VAL A 160 -13.91 10.69 -0.90
CA VAL A 160 -13.36 9.34 -0.83
C VAL A 160 -14.16 8.46 0.10
N THR A 161 -14.69 9.04 1.18
CA THR A 161 -15.49 8.27 2.12
C THR A 161 -16.72 7.77 1.36
N GLU A 162 -17.32 8.62 0.55
CA GLU A 162 -18.49 8.24 -0.22
C GLU A 162 -18.14 7.07 -1.14
N ASN A 163 -16.96 7.13 -1.74
CA ASN A 163 -16.52 6.06 -2.63
C ASN A 163 -16.34 4.77 -1.85
N LEU A 164 -15.74 4.85 -0.66
CA LEU A 164 -15.56 3.67 0.16
C LEU A 164 -16.91 3.14 0.61
N ILE A 165 -17.82 4.04 0.99
CA ILE A 165 -19.16 3.63 1.42
C ILE A 165 -19.84 2.86 0.30
N LEU A 166 -19.74 3.38 -0.92
CA LEU A 166 -20.33 2.72 -2.08
C LEU A 166 -19.73 1.34 -2.23
N PHE A 167 -18.43 1.22 -1.96
CA PHE A 167 -17.80 -0.08 -2.07
C PHE A 167 -18.33 -1.03 -1.03
N ARG A 168 -18.42 -0.56 0.21
CA ARG A 168 -18.91 -1.40 1.30
C ARG A 168 -20.30 -1.92 0.99
N LYS A 169 -21.16 -1.05 0.48
CA LYS A 169 -22.51 -1.46 0.13
C LYS A 169 -22.46 -2.51 -0.98
N ARG A 170 -21.56 -2.30 -1.94
CA ARG A 170 -21.40 -3.23 -3.04
C ARG A 170 -20.85 -4.55 -2.51
N GLN A 171 -19.85 -4.44 -1.64
CA GLN A 171 -19.22 -5.61 -1.02
C GLN A 171 -20.26 -6.43 -0.28
N GLU A 172 -21.23 -5.74 0.30
CA GLU A 172 -22.30 -6.35 1.07
C GLU A 172 -23.27 -7.19 0.24
N GLU A 173 -23.42 -6.88 -1.05
CA GLU A 173 -24.33 -7.66 -1.89
C GLU A 173 -23.55 -8.71 -2.69
N ASP A 174 -22.25 -8.46 -2.85
CA ASP A 174 -21.39 -9.38 -3.56
C ASP A 174 -20.84 -10.30 -2.48
N LYS A 175 -20.37 -11.48 -2.84
CA LYS A 175 -19.84 -12.40 -1.84
C LYS A 175 -18.38 -12.72 -2.13
N LEU A 176 -17.96 -12.46 -3.35
CA LEU A 176 -16.59 -12.70 -3.75
C LEU A 176 -15.67 -11.63 -3.18
N LEU A 177 -16.24 -10.65 -2.50
CA LEU A 177 -15.46 -9.57 -1.90
C LEU A 177 -15.60 -9.51 -0.37
N SER A 178 -16.48 -10.35 0.17
CA SER A 178 -16.74 -10.36 1.61
C SER A 178 -15.52 -10.44 2.51
N LYS A 179 -14.46 -11.12 2.05
CA LYS A 179 -13.25 -11.25 2.86
C LYS A 179 -12.12 -10.32 2.46
N HIS A 180 -12.34 -9.52 1.43
CA HIS A 180 -11.33 -8.59 0.96
C HIS A 180 -11.21 -7.45 1.94
N ILE A 181 -9.99 -6.94 2.10
CA ILE A 181 -9.72 -5.87 3.05
C ILE A 181 -9.41 -4.52 2.42
N VAL A 182 -9.93 -3.47 3.03
CA VAL A 182 -9.64 -2.13 2.54
C VAL A 182 -9.07 -1.31 3.67
N GLY A 183 -7.88 -0.76 3.45
CA GLY A 183 -7.24 0.07 4.44
C GLY A 183 -7.31 1.49 3.90
N VAL A 184 -7.21 2.47 4.78
CA VAL A 184 -7.25 3.86 4.34
C VAL A 184 -6.01 4.60 4.84
N SER A 185 -5.26 5.16 3.91
CA SER A 185 -4.06 5.92 4.23
C SER A 185 -4.48 7.36 4.44
N ILE A 186 -3.98 7.98 5.49
CA ILE A 186 -4.34 9.35 5.80
C ILE A 186 -3.14 10.24 6.06
N GLY A 187 -3.26 11.48 5.61
CA GLY A 187 -2.19 12.44 5.79
C GLY A 187 -2.72 13.81 6.12
N LYS A 188 -1.90 14.84 5.87
CA LYS A 188 -2.30 16.20 6.17
C LYS A 188 -2.34 17.03 4.90
N ASN A 189 -3.26 18.00 4.88
CA ASN A 189 -3.36 18.89 3.74
C ASN A 189 -2.04 19.69 3.70
N LYS A 190 -1.71 20.19 2.52
CA LYS A 190 -0.50 20.96 2.30
C LYS A 190 -0.21 22.06 3.33
N ASP A 191 -1.22 22.85 3.70
CA ASP A 191 -1.00 23.94 4.65
C ASP A 191 -1.30 23.66 6.11
N THR A 192 -1.93 22.52 6.39
CA THR A 192 -2.26 22.16 7.76
C THR A 192 -1.05 22.28 8.68
N VAL A 193 -1.23 22.98 9.80
CA VAL A 193 -0.16 23.16 10.77
C VAL A 193 0.04 21.91 11.61
N ASN A 194 -1.02 21.46 12.25
CA ASN A 194 -0.94 20.27 13.09
C ASN A 194 -1.57 19.06 12.42
N ILE A 195 -0.72 18.12 12.01
CA ILE A 195 -1.16 16.90 11.33
C ILE A 195 -2.28 16.16 12.06
N VAL A 196 -2.20 16.12 13.38
CA VAL A 196 -3.20 15.44 14.19
C VAL A 196 -4.63 15.94 13.90
N ASP A 197 -4.76 17.22 13.59
CA ASP A 197 -6.05 17.81 13.28
C ASP A 197 -6.65 17.19 12.01
N ASP A 198 -5.78 16.92 11.04
CA ASP A 198 -6.22 16.32 9.80
C ASP A 198 -6.49 14.84 9.99
N LEU A 199 -5.60 14.15 10.68
CA LEU A 199 -5.78 12.74 10.92
C LEU A 199 -7.11 12.48 11.61
N LYS A 200 -7.41 13.26 12.64
CA LYS A 200 -8.65 13.08 13.40
C LYS A 200 -9.87 13.32 12.53
N TYR A 201 -9.81 14.33 11.66
CA TYR A 201 -10.93 14.61 10.78
C TYR A 201 -11.21 13.42 9.85
N CYS A 202 -10.16 12.91 9.21
CA CYS A 202 -10.31 11.78 8.30
C CYS A 202 -10.85 10.54 9.01
N ILE A 203 -10.32 10.28 10.21
CA ILE A 203 -10.77 9.12 10.97
C ILE A 203 -12.26 9.21 11.28
N ASN A 204 -12.69 10.39 11.72
CA ASN A 204 -14.10 10.61 12.06
C ASN A 204 -15.01 10.37 10.85
N LYS A 205 -14.54 10.74 9.67
CA LYS A 205 -15.31 10.57 8.45
C LYS A 205 -15.30 9.17 7.83
N ILE A 206 -14.10 8.61 7.67
CA ILE A 206 -13.96 7.32 7.00
C ILE A 206 -13.58 6.12 7.87
N GLY A 207 -13.15 6.39 9.10
CA GLY A 207 -12.73 5.33 9.99
C GLY A 207 -13.70 4.17 10.15
N ARG A 208 -14.98 4.48 10.11
CA ARG A 208 -16.01 3.46 10.27
C ARG A 208 -16.03 2.45 9.13
N TYR A 209 -15.54 2.87 7.96
CA TYR A 209 -15.54 2.01 6.79
C TYR A 209 -14.20 1.39 6.45
N ALA A 210 -13.21 1.61 7.33
CA ALA A 210 -11.87 1.10 7.11
C ALA A 210 -11.56 -0.11 7.97
N ASP A 211 -10.78 -1.04 7.41
CA ASP A 211 -10.39 -2.25 8.14
C ASP A 211 -9.14 -1.91 8.94
N TYR A 212 -8.44 -0.87 8.47
CA TYR A 212 -7.25 -0.39 9.16
C TYR A 212 -6.92 1.01 8.66
N ILE A 213 -6.14 1.72 9.46
CA ILE A 213 -5.75 3.08 9.12
C ILE A 213 -4.22 3.13 8.97
N ALA A 214 -3.75 3.77 7.92
CA ALA A 214 -2.32 3.90 7.71
C ALA A 214 -1.94 5.35 7.92
N ILE A 215 -1.18 5.60 8.98
CA ILE A 215 -0.75 6.96 9.26
C ILE A 215 0.42 7.23 8.33
N ASN A 216 0.22 8.15 7.39
CA ASN A 216 1.28 8.48 6.44
C ASN A 216 2.11 9.66 6.91
N VAL A 217 3.30 9.36 7.42
CA VAL A 217 4.21 10.40 7.88
C VAL A 217 5.52 10.24 7.13
N SER A 218 5.49 9.50 6.02
CA SER A 218 6.68 9.24 5.24
C SER A 218 6.71 9.74 3.79
N SER A 219 5.67 10.44 3.36
CA SER A 219 5.68 10.96 2.00
C SER A 219 6.77 12.01 1.92
N PRO A 220 7.61 11.97 0.88
CA PRO A 220 8.68 12.96 0.74
C PRO A 220 8.25 14.15 -0.13
N ASN A 221 6.97 14.18 -0.49
CA ASN A 221 6.45 15.23 -1.35
C ASN A 221 5.59 16.26 -0.64
N THR A 222 5.54 16.18 0.68
CA THR A 222 4.78 17.13 1.50
C THR A 222 5.73 17.70 2.54
N PRO A 223 6.29 18.90 2.26
CA PRO A 223 7.22 19.61 3.13
C PRO A 223 6.96 19.48 4.63
N GLY A 224 7.95 18.98 5.36
CA GLY A 224 7.83 18.83 6.79
C GLY A 224 7.12 17.57 7.27
N LEU A 225 6.40 16.89 6.38
CA LEU A 225 5.70 15.68 6.77
C LEU A 225 6.59 14.63 7.44
N ARG A 226 7.72 14.33 6.81
CA ARG A 226 8.62 13.33 7.37
C ARG A 226 9.18 13.63 8.76
N ASP A 227 9.08 14.89 9.20
CA ASP A 227 9.57 15.25 10.53
C ASP A 227 8.70 14.60 11.60
N ASN A 228 7.51 14.19 11.19
CA ASN A 228 6.57 13.56 12.11
C ASN A 228 6.99 12.14 12.45
N GLN A 229 8.17 11.76 11.98
CA GLN A 229 8.72 10.44 12.24
C GLN A 229 9.60 10.50 13.48
N GLU A 230 9.84 11.72 13.96
CA GLU A 230 10.63 11.93 15.16
C GLU A 230 9.86 11.21 16.27
N ALA A 231 10.56 10.37 17.02
CA ALA A 231 9.94 9.60 18.09
C ALA A 231 8.88 10.36 18.87
N GLY A 232 9.25 11.54 19.36
CA GLY A 232 8.33 12.34 20.14
C GLY A 232 7.01 12.65 19.46
N LYS A 233 7.09 13.21 18.25
CA LYS A 233 5.89 13.56 17.51
C LYS A 233 5.09 12.32 17.09
N LEU A 234 5.80 11.33 16.55
CA LEU A 234 5.15 10.10 16.09
C LEU A 234 4.35 9.44 17.18
N LYS A 235 4.88 9.48 18.40
CA LYS A 235 4.20 8.88 19.53
C LYS A 235 2.86 9.58 19.76
N ASN A 236 2.89 10.90 19.74
CA ASN A 236 1.66 11.68 19.94
C ASN A 236 0.66 11.36 18.84
N ILE A 237 1.15 11.35 17.60
CA ILE A 237 0.31 11.05 16.44
C ILE A 237 -0.38 9.69 16.54
N ILE A 238 0.39 8.65 16.83
CA ILE A 238 -0.17 7.30 16.95
C ILE A 238 -1.23 7.22 18.05
N LEU A 239 -0.93 7.77 19.22
CA LEU A 239 -1.89 7.73 20.31
C LEU A 239 -3.15 8.50 19.93
N SER A 240 -2.98 9.65 19.29
CA SER A 240 -4.12 10.44 18.86
C SER A 240 -4.99 9.64 17.90
N VAL A 241 -4.35 8.93 16.96
CA VAL A 241 -5.08 8.12 15.99
C VAL A 241 -5.86 6.99 16.68
N LYS A 242 -5.20 6.29 17.59
CA LYS A 242 -5.84 5.19 18.31
C LYS A 242 -7.02 5.71 19.14
N GLU A 243 -6.80 6.80 19.88
CA GLU A 243 -7.85 7.37 20.71
C GLU A 243 -9.00 7.82 19.83
N GLU A 244 -8.69 8.53 18.76
CA GLU A 244 -9.72 9.01 17.84
C GLU A 244 -10.54 7.84 17.30
N ILE A 245 -9.88 6.71 17.05
CA ILE A 245 -10.60 5.56 16.55
C ILE A 245 -11.51 5.02 17.65
N ASP A 246 -11.05 5.06 18.89
CA ASP A 246 -11.86 4.61 20.01
C ASP A 246 -13.00 5.57 20.25
N ASN A 247 -12.73 6.86 20.09
CA ASN A 247 -13.75 7.89 20.28
C ASN A 247 -14.82 7.84 19.22
N LEU A 248 -14.47 7.25 18.08
CA LEU A 248 -15.41 7.11 16.97
C LEU A 248 -16.39 6.01 17.35
N GLU A 249 -15.84 4.93 17.88
CA GLU A 249 -16.61 3.77 18.30
C GLU A 249 -17.57 4.13 19.43
N PHE A 288 -23.51 -3.15 12.86
CA PHE A 288 -23.79 -1.98 12.04
C PHE A 288 -22.69 -0.95 12.28
N LEU A 289 -22.20 -0.95 13.50
CA LEU A 289 -21.16 -0.01 13.93
C LEU A 289 -20.04 0.11 12.91
N TRP A 290 -19.30 -0.98 12.72
CA TRP A 290 -18.20 -0.98 11.77
C TRP A 290 -18.66 -1.52 10.43
N PHE A 291 -18.82 -0.61 9.48
CA PHE A 291 -19.26 -0.98 8.15
C PHE A 291 -18.03 -1.29 7.29
N ASN A 292 -17.29 -2.29 7.71
CA ASN A 292 -16.09 -2.72 7.01
C ASN A 292 -16.10 -4.24 6.89
N THR A 293 -14.93 -4.81 6.62
CA THR A 293 -14.81 -6.26 6.47
C THR A 293 -14.70 -6.98 7.80
N THR A 294 -13.81 -6.47 8.65
CA THR A 294 -13.54 -7.06 9.96
C THR A 294 -14.71 -6.96 10.94
N LYS A 295 -15.57 -5.96 10.76
CA LYS A 295 -16.69 -5.75 11.68
C LYS A 295 -16.12 -5.32 13.02
N LYS A 296 -14.86 -4.89 13.00
CA LYS A 296 -14.18 -4.42 14.20
C LYS A 296 -13.57 -3.06 13.89
N LYS A 297 -13.14 -2.34 14.92
CA LYS A 297 -12.54 -1.05 14.68
C LYS A 297 -11.28 -1.27 13.85
N PRO A 298 -10.93 -0.30 12.98
CA PRO A 298 -9.74 -0.40 12.14
C PRO A 298 -8.42 -0.46 12.91
N LEU A 299 -7.53 -1.35 12.48
CA LEU A 299 -6.23 -1.46 13.13
C LEU A 299 -5.47 -0.20 12.76
N VAL A 300 -4.35 0.03 13.44
CA VAL A 300 -3.56 1.21 13.15
C VAL A 300 -2.17 0.82 12.67
N PHE A 301 -1.79 1.33 11.51
CA PHE A 301 -0.47 1.06 10.97
C PHE A 301 0.18 2.42 10.75
N VAL A 302 1.50 2.43 10.68
CA VAL A 302 2.22 3.65 10.41
C VAL A 302 3.12 3.33 9.23
N LYS A 303 3.19 4.23 8.25
CA LYS A 303 4.05 4.00 7.10
C LYS A 303 5.31 4.83 7.27
N LEU A 304 6.46 4.17 7.22
CA LEU A 304 7.73 4.84 7.41
C LEU A 304 8.57 5.01 6.14
N ALA A 305 9.36 6.07 6.13
CA ALA A 305 10.27 6.37 5.04
C ALA A 305 11.53 5.54 5.32
N PRO A 306 12.18 5.03 4.27
CA PRO A 306 13.40 4.24 4.44
C PRO A 306 14.64 5.10 4.65
N ASP A 307 14.47 6.41 4.52
CA ASP A 307 15.57 7.35 4.65
C ASP A 307 15.74 7.84 6.09
N LEU A 308 15.94 6.91 7.00
CA LEU A 308 16.13 7.22 8.41
C LEU A 308 17.45 6.61 8.86
N ASN A 309 18.08 7.19 9.88
CA ASN A 309 19.34 6.62 10.36
C ASN A 309 18.99 5.59 11.41
N GLN A 310 19.95 4.74 11.76
CA GLN A 310 19.71 3.69 12.72
C GLN A 310 19.11 4.20 14.03
N GLU A 311 19.67 5.29 14.56
CA GLU A 311 19.18 5.87 15.80
C GLU A 311 17.70 6.18 15.68
N GLN A 312 17.35 6.88 14.61
CA GLN A 312 15.96 7.25 14.35
C GLN A 312 15.06 6.03 14.28
N LYS A 313 15.52 5.00 13.57
CA LYS A 313 14.73 3.78 13.45
C LYS A 313 14.50 3.12 14.81
N LYS A 314 15.54 3.09 15.63
CA LYS A 314 15.45 2.49 16.97
C LYS A 314 14.48 3.23 17.86
N GLU A 315 14.54 4.56 17.83
CA GLU A 315 13.63 5.37 18.65
C GLU A 315 12.20 5.12 18.19
N ILE A 316 12.01 5.08 16.87
CA ILE A 316 10.69 4.83 16.31
C ILE A 316 10.24 3.45 16.74
N ALA A 317 11.14 2.48 16.62
CA ALA A 317 10.83 1.11 17.02
C ALA A 317 10.31 1.07 18.47
N ASP A 318 10.93 1.85 19.35
CA ASP A 318 10.48 1.87 20.74
C ASP A 318 9.10 2.49 20.87
N VAL A 319 8.85 3.55 20.09
CA VAL A 319 7.56 4.21 20.12
C VAL A 319 6.46 3.25 19.67
N LEU A 320 6.73 2.52 18.59
CA LEU A 320 5.76 1.58 18.05
C LEU A 320 5.39 0.52 19.09
N LEU A 321 6.37 0.13 19.92
CA LEU A 321 6.13 -0.85 20.96
C LEU A 321 5.37 -0.23 22.12
N GLU A 322 5.74 1.00 22.48
CA GLU A 322 5.09 1.71 23.57
C GLU A 322 3.62 1.96 23.22
N THR A 323 3.40 2.50 22.03
CA THR A 323 2.05 2.81 21.56
C THR A 323 1.29 1.57 21.15
N ASN A 324 1.97 0.42 21.18
CA ASN A 324 1.35 -0.84 20.80
C ASN A 324 0.62 -0.72 19.46
N ILE A 325 1.30 -0.15 18.47
CA ILE A 325 0.72 0.02 17.15
C ILE A 325 0.48 -1.37 16.53
N ASP A 326 -0.62 -1.52 15.81
CA ASP A 326 -0.98 -2.80 15.21
C ASP A 326 -0.07 -3.30 14.10
N GLY A 327 0.63 -2.38 13.44
CA GLY A 327 1.52 -2.80 12.38
C GLY A 327 2.30 -1.64 11.81
N MET A 328 3.31 -1.94 11.01
CA MET A 328 4.12 -0.90 10.41
C MET A 328 4.33 -1.22 8.93
N ILE A 329 3.98 -0.26 8.07
CA ILE A 329 4.14 -0.47 6.64
C ILE A 329 5.56 -0.05 6.34
N ILE A 330 6.42 -1.03 6.08
CA ILE A 330 7.80 -0.70 5.85
C ILE A 330 8.20 -0.23 4.48
N SER A 331 8.65 1.02 4.52
CA SER A 331 9.15 1.78 3.42
C SER A 331 8.16 2.38 2.46
N ASN A 332 8.23 3.70 2.42
CA ASN A 332 7.46 4.51 1.51
C ASN A 332 8.57 4.66 0.47
N THR A 333 8.45 5.62 -0.44
CA THR A 333 9.47 5.81 -1.44
C THR A 333 10.75 6.38 -0.84
N THR A 334 11.87 6.26 -1.55
CA THR A 334 13.14 6.77 -1.06
C THR A 334 13.65 7.97 -1.83
N THR A 335 14.48 8.78 -1.16
CA THR A 335 15.06 9.96 -1.76
C THR A 335 16.58 9.81 -1.89
N GLN A 336 17.10 8.70 -1.38
CA GLN A 336 18.54 8.45 -1.42
C GLN A 336 19.04 7.76 -2.69
N ILE A 337 18.20 7.67 -3.70
CA ILE A 337 18.60 7.04 -4.96
C ILE A 337 18.88 8.14 -5.98
N ASN A 338 20.07 8.11 -6.57
CA ASN A 338 20.43 9.12 -7.56
C ASN A 338 21.28 8.53 -8.67
N ASP A 339 21.26 7.20 -8.78
CA ASP A 339 22.02 6.51 -9.81
C ASP A 339 21.15 6.21 -11.03
N ILE A 340 19.95 6.77 -11.04
CA ILE A 340 19.03 6.58 -12.17
C ILE A 340 19.14 7.80 -13.08
N LYS A 341 19.70 7.57 -14.27
CA LYS A 341 19.91 8.63 -15.25
C LYS A 341 18.68 9.48 -15.56
N SER A 342 17.62 8.85 -16.06
CA SER A 342 16.41 9.56 -16.42
C SER A 342 15.71 10.29 -15.26
N PHE A 343 16.18 10.09 -14.04
CA PHE A 343 15.58 10.75 -12.88
C PHE A 343 16.46 11.86 -12.27
N GLU A 344 17.60 12.12 -12.89
CA GLU A 344 18.52 13.14 -12.35
C GLU A 344 17.88 14.52 -12.16
N ASN A 345 17.11 14.97 -13.15
CA ASN A 345 16.47 16.28 -13.09
C ASN A 345 15.06 16.19 -12.52
N LYS A 346 14.72 15.06 -11.91
CA LYS A 346 13.39 14.86 -11.34
C LYS A 346 13.38 14.90 -9.81
N LYS A 347 12.28 15.35 -9.25
CA LYS A 347 12.12 15.43 -7.81
C LYS A 347 11.18 14.32 -7.35
N GLY A 348 11.13 14.09 -6.04
CA GLY A 348 10.23 13.09 -5.50
C GLY A 348 10.84 11.83 -4.93
N GLY A 349 9.97 10.87 -4.62
CA GLY A 349 10.42 9.61 -4.05
C GLY A 349 10.48 8.53 -5.11
N VAL A 350 11.50 7.68 -5.01
CA VAL A 350 11.66 6.61 -5.97
C VAL A 350 11.04 5.31 -5.48
N SER A 351 10.37 4.61 -6.39
CA SER A 351 9.74 3.35 -6.11
C SER A 351 10.31 2.35 -7.09
N GLY A 352 10.04 1.08 -6.88
CA GLY A 352 10.50 0.08 -7.81
C GLY A 352 11.65 -0.79 -7.37
N ALA A 353 12.26 -1.44 -8.35
CA ALA A 353 13.37 -2.36 -8.11
C ALA A 353 14.51 -1.74 -7.30
N LYS A 354 14.87 -0.49 -7.59
CA LYS A 354 15.95 0.17 -6.89
C LYS A 354 15.66 0.40 -5.41
N LEU A 355 14.42 0.18 -5.00
CA LEU A 355 14.04 0.38 -3.60
C LEU A 355 13.93 -0.94 -2.84
N LYS A 356 13.89 -2.05 -3.57
CA LYS A 356 13.74 -3.35 -2.95
C LYS A 356 14.70 -3.71 -1.81
N ASP A 357 15.99 -3.70 -2.08
CA ASP A 357 16.98 -4.03 -1.04
C ASP A 357 16.93 -3.06 0.13
N ILE A 358 16.87 -1.77 -0.18
CA ILE A 358 16.82 -0.78 0.87
C ILE A 358 15.63 -1.04 1.80
N SER A 359 14.45 -1.27 1.23
CA SER A 359 13.28 -1.51 2.06
C SER A 359 13.30 -2.86 2.74
N THR A 360 13.85 -3.88 2.07
CA THR A 360 13.94 -5.19 2.68
C THR A 360 14.83 -5.09 3.92
N LYS A 361 15.98 -4.44 3.76
CA LYS A 361 16.90 -4.27 4.87
C LYS A 361 16.19 -3.53 5.99
N PHE A 362 15.44 -2.49 5.63
CA PHE A 362 14.69 -1.70 6.60
C PHE A 362 13.76 -2.64 7.38
N ILE A 363 13.13 -3.58 6.68
CA ILE A 363 12.25 -4.54 7.34
C ILE A 363 13.03 -5.37 8.34
N CYS A 364 14.18 -5.88 7.91
CA CYS A 364 15.02 -6.68 8.78
C CYS A 364 15.29 -5.95 10.08
N GLU A 365 15.74 -4.71 9.96
CA GLU A 365 16.06 -3.88 11.11
C GLU A 365 14.87 -3.68 12.06
N MET A 366 13.78 -3.15 11.53
CA MET A 366 12.60 -2.90 12.35
C MET A 366 12.06 -4.17 12.99
N TYR A 367 12.10 -5.28 12.25
CA TYR A 367 11.64 -6.56 12.79
C TYR A 367 12.47 -6.84 14.05
N ASN A 368 13.78 -6.65 13.94
CA ASN A 368 14.67 -6.89 15.08
C ASN A 368 14.44 -5.85 16.16
N TYR A 369 14.56 -4.57 15.81
CA TYR A 369 14.38 -3.47 16.75
C TYR A 369 13.08 -3.54 17.54
N THR A 370 12.08 -4.24 16.99
CA THR A 370 10.79 -4.35 17.66
C THR A 370 10.57 -5.73 18.25
N ASN A 371 11.64 -6.53 18.28
CA ASN A 371 11.59 -7.87 18.84
C ASN A 371 10.48 -8.72 18.21
N LYS A 372 10.31 -8.57 16.90
CA LYS A 372 9.31 -9.34 16.14
C LYS A 372 7.92 -9.23 16.74
N GLN A 373 7.62 -8.14 17.43
CA GLN A 373 6.33 -7.96 18.06
C GLN A 373 5.35 -7.12 17.24
N ILE A 374 5.86 -6.41 16.25
CA ILE A 374 4.99 -5.57 15.44
C ILE A 374 4.88 -6.07 14.01
N PRO A 375 3.68 -6.55 13.62
CA PRO A 375 3.45 -7.05 12.27
C PRO A 375 3.92 -6.04 11.25
N ILE A 376 4.52 -6.53 10.17
CA ILE A 376 5.02 -5.68 9.12
C ILE A 376 4.31 -5.91 7.80
N ILE A 377 3.96 -4.82 7.12
CA ILE A 377 3.35 -4.88 5.80
C ILE A 377 4.47 -4.39 4.92
N ALA A 378 4.93 -5.21 3.99
CA ALA A 378 6.04 -4.84 3.12
C ALA A 378 5.62 -4.05 1.90
N SER A 379 6.47 -3.09 1.52
CA SER A 379 6.25 -2.26 0.36
C SER A 379 7.60 -1.81 -0.16
N GLY A 380 7.83 -1.99 -1.45
CA GLY A 380 9.09 -1.58 -2.02
C GLY A 380 9.75 -2.61 -2.92
N GLY A 381 9.70 -2.37 -4.23
CA GLY A 381 10.33 -3.25 -5.19
C GLY A 381 9.90 -4.70 -5.27
N ILE A 382 8.66 -5.00 -4.88
CA ILE A 382 8.17 -6.36 -4.94
C ILE A 382 7.55 -6.59 -6.32
N PHE A 383 8.17 -7.46 -7.11
CA PHE A 383 7.68 -7.77 -8.44
C PHE A 383 7.40 -9.25 -8.61
N SER A 384 8.22 -10.07 -7.98
CA SER A 384 8.08 -11.52 -8.11
C SER A 384 7.78 -12.24 -6.80
N GLY A 385 7.54 -13.54 -6.93
CA GLY A 385 7.30 -14.36 -5.76
C GLY A 385 8.56 -14.36 -4.91
N LEU A 386 9.72 -14.36 -5.56
CA LEU A 386 10.98 -14.35 -4.84
C LEU A 386 11.10 -13.08 -4.00
N ASP A 387 10.79 -11.93 -4.61
CA ASP A 387 10.85 -10.66 -3.90
C ASP A 387 9.93 -10.70 -2.69
N ALA A 388 8.74 -11.25 -2.87
CA ALA A 388 7.77 -11.34 -1.78
C ALA A 388 8.27 -12.22 -0.64
N LEU A 389 8.91 -13.34 -0.99
CA LEU A 389 9.44 -14.26 0.01
C LEU A 389 10.58 -13.59 0.78
N GLU A 390 11.38 -12.79 0.08
CA GLU A 390 12.46 -12.10 0.76
C GLU A 390 11.88 -11.13 1.78
N LYS A 391 10.78 -10.46 1.43
CA LYS A 391 10.13 -9.52 2.34
C LYS A 391 9.57 -10.31 3.52
N ILE A 392 8.94 -11.43 3.21
CA ILE A 392 8.33 -12.28 4.21
C ILE A 392 9.37 -12.85 5.18
N GLU A 393 10.43 -13.45 4.64
CA GLU A 393 11.47 -14.01 5.49
C GLU A 393 12.19 -12.93 6.28
N ALA A 394 12.11 -11.68 5.83
CA ALA A 394 12.75 -10.58 6.54
C ALA A 394 11.90 -10.11 7.71
N GLY A 395 10.65 -10.58 7.77
CA GLY A 395 9.78 -10.19 8.86
C GLY A 395 8.40 -9.73 8.42
N ALA A 396 8.21 -9.48 7.13
CA ALA A 396 6.92 -9.03 6.62
C ALA A 396 5.88 -10.14 6.71
N SER A 397 4.65 -9.75 7.02
CA SER A 397 3.56 -10.70 7.13
C SER A 397 2.66 -10.62 5.89
N VAL A 398 2.71 -9.48 5.21
CA VAL A 398 1.93 -9.25 3.99
C VAL A 398 2.72 -8.30 3.09
N CYS A 399 2.37 -8.31 1.81
CA CYS A 399 3.03 -7.46 0.83
C CYS A 399 2.07 -6.53 0.11
N GLN A 400 2.58 -5.36 -0.27
CA GLN A 400 1.80 -4.39 -1.01
C GLN A 400 2.54 -4.11 -2.30
N LEU A 401 1.79 -4.00 -3.39
CA LEU A 401 2.40 -3.73 -4.67
C LEU A 401 1.94 -2.40 -5.24
N TYR A 402 2.81 -1.80 -6.04
CA TYR A 402 2.47 -0.58 -6.75
C TYR A 402 3.21 -0.68 -8.08
N SER A 403 4.52 -0.48 -8.04
CA SER A 403 5.33 -0.55 -9.26
C SER A 403 5.10 -1.83 -10.07
N CYS A 404 4.89 -2.94 -9.39
CA CYS A 404 4.68 -4.21 -10.09
C CYS A 404 3.48 -4.09 -11.03
N LEU A 405 2.43 -3.43 -10.52
CA LEU A 405 1.22 -3.21 -11.28
C LEU A 405 1.53 -2.33 -12.49
N VAL A 406 2.43 -1.37 -12.30
CA VAL A 406 2.82 -0.47 -13.38
C VAL A 406 3.61 -1.18 -14.48
N PHE A 407 4.55 -2.04 -14.08
CA PHE A 407 5.40 -2.73 -15.02
C PHE A 407 4.95 -4.12 -15.48
N ASN A 408 4.22 -4.84 -14.64
CA ASN A 408 3.73 -6.16 -15.03
C ASN A 408 2.27 -6.12 -15.45
N GLY A 409 1.63 -4.98 -15.24
CA GLY A 409 0.26 -4.82 -15.66
C GLY A 409 -0.81 -5.55 -14.89
N MET A 410 -1.92 -5.78 -15.57
CA MET A 410 -3.06 -6.44 -14.96
C MET A 410 -2.82 -7.85 -14.44
N LYS A 411 -1.87 -8.56 -15.01
CA LYS A 411 -1.59 -9.92 -14.57
C LYS A 411 -0.77 -9.95 -13.28
N SER A 412 -0.39 -8.77 -12.78
CA SER A 412 0.41 -8.66 -11.56
C SER A 412 0.05 -9.61 -10.42
N ALA A 413 -1.18 -9.50 -9.91
CA ALA A 413 -1.62 -10.33 -8.80
C ALA A 413 -1.62 -11.83 -9.08
N VAL A 414 -2.36 -12.24 -10.10
CA VAL A 414 -2.45 -13.65 -10.43
C VAL A 414 -1.05 -14.25 -10.56
N GLN A 415 -0.18 -13.50 -11.23
CA GLN A 415 1.19 -13.92 -11.49
C GLN A 415 2.09 -14.03 -10.26
N ILE A 416 2.11 -12.98 -9.45
CA ILE A 416 2.97 -13.00 -8.28
C ILE A 416 2.48 -14.01 -7.25
N LYS A 417 1.16 -14.22 -7.18
CA LYS A 417 0.64 -15.20 -6.24
C LYS A 417 1.09 -16.59 -6.64
N ARG A 418 0.96 -16.91 -7.92
CA ARG A 418 1.37 -18.21 -8.44
C ARG A 418 2.85 -18.41 -8.17
N GLU A 419 3.65 -17.38 -8.43
CA GLU A 419 5.08 -17.48 -8.20
C GLU A 419 5.39 -17.76 -6.73
N LEU A 420 4.71 -17.06 -5.83
CA LEU A 420 4.96 -17.26 -4.41
C LEU A 420 4.55 -18.65 -3.95
N ASN A 421 3.40 -19.12 -4.41
CA ASN A 421 2.95 -20.46 -4.04
C ASN A 421 4.00 -21.47 -4.47
N HIS A 422 4.44 -21.35 -5.73
CA HIS A 422 5.46 -22.25 -6.25
C HIS A 422 6.71 -22.19 -5.39
N LEU A 423 7.21 -20.98 -5.16
CA LEU A 423 8.42 -20.81 -4.36
C LEU A 423 8.27 -21.33 -2.93
N LEU A 424 7.11 -21.12 -2.31
CA LEU A 424 6.88 -21.60 -0.96
C LEU A 424 6.92 -23.12 -0.97
N TYR A 425 6.31 -23.72 -1.99
CA TYR A 425 6.31 -25.16 -2.12
C TYR A 425 7.75 -25.65 -2.32
N GLN A 426 8.42 -25.12 -3.34
CA GLN A 426 9.81 -25.50 -3.64
C GLN A 426 10.71 -25.51 -2.41
N ARG A 427 10.68 -24.42 -1.66
CA ARG A 427 11.51 -24.27 -0.47
C ARG A 427 11.12 -25.20 0.68
N GLY A 428 9.96 -25.83 0.58
CA GLY A 428 9.54 -26.75 1.62
C GLY A 428 8.71 -26.18 2.76
N TYR A 429 7.98 -25.09 2.50
CA TYR A 429 7.12 -24.49 3.51
C TYR A 429 5.74 -25.12 3.42
N TYR A 430 5.10 -25.40 4.55
CA TYR A 430 3.76 -25.96 4.47
C TYR A 430 2.75 -24.84 4.28
N ASN A 431 3.15 -23.62 4.64
CA ASN A 431 2.31 -22.44 4.45
C ASN A 431 3.17 -21.19 4.49
N LEU A 432 2.57 -20.06 4.12
CA LEU A 432 3.28 -18.78 4.09
C LEU A 432 3.71 -18.30 5.46
N LYS A 433 2.83 -18.41 6.45
CA LYS A 433 3.12 -17.96 7.81
C LYS A 433 4.42 -18.53 8.35
N GLU A 434 4.67 -19.80 8.06
CA GLU A 434 5.89 -20.47 8.51
C GLU A 434 7.14 -19.72 8.04
N ALA A 435 7.01 -19.04 6.91
CA ALA A 435 8.14 -18.32 6.32
C ALA A 435 8.40 -16.94 6.92
N ILE A 436 7.40 -16.38 7.59
CA ILE A 436 7.53 -15.06 8.18
C ILE A 436 8.69 -15.00 9.17
N GLY A 437 9.70 -14.20 8.85
CA GLY A 437 10.85 -14.04 9.72
C GLY A 437 11.86 -15.18 9.73
N ARG A 438 11.65 -16.21 8.92
CA ARG A 438 12.56 -17.35 8.89
C ARG A 438 14.02 -16.98 8.56
N LYS A 439 14.26 -15.71 8.24
CA LYS A 439 15.62 -15.29 7.94
C LYS A 439 16.36 -14.91 9.24
N HIS A 440 15.67 -15.07 10.36
CA HIS A 440 16.22 -14.76 11.68
C HIS A 440 17.72 -15.03 11.74
#